data_1AWI
#
_entry.id   1AWI
#
_cell.length_a   68.250
_cell.length_b   97.640
_cell.length_c   39.100
_cell.angle_alpha   90.00
_cell.angle_beta   90.00
_cell.angle_gamma   90.00
#
_symmetry.space_group_name_H-M   'P 21 21 2'
#
loop_
_entity.id
_entity.type
_entity.pdbx_description
1 polymer PROFILIN
2 polymer L-PRO10
3 water water
#
loop_
_entity_poly.entity_id
_entity_poly.type
_entity_poly.pdbx_seq_one_letter_code
_entity_poly.pdbx_strand_id
1 'polypeptide(L)'
;GWNAYIDNLMADGTCQDAAIVGYKDSPSVWAAVPGKTFVNITPAEVGVLVGKDRSSFYVNGLTLGGQKCSVIRDSLLQDG
EFSMDLRTKSTGGAPTFNVTVTKTDKTLVLLMGKEGVHGGLINKKCYEMASHLRRSQY
;
A,B
2 'polypeptide(L)' PPPPPPPPPP P
#
# COMPACT_ATOMS: atom_id res chain seq x y z
N GLY A 1 1.50 4.99 2.24
CA GLY A 1 0.77 3.71 2.01
C GLY A 1 -0.10 3.33 3.20
N TRP A 2 0.03 2.07 3.63
CA TRP A 2 -0.73 1.57 4.77
C TRP A 2 -0.35 2.23 6.08
N ASN A 3 0.83 2.87 6.11
CA ASN A 3 1.34 3.58 7.29
C ASN A 3 0.41 4.68 7.79
N ALA A 4 -0.30 5.29 6.85
CA ALA A 4 -1.23 6.37 7.16
C ALA A 4 -2.42 5.88 7.99
N TYR A 5 -2.81 4.63 7.76
CA TYR A 5 -3.92 4.06 8.52
C TYR A 5 -3.54 3.83 9.97
N ILE A 6 -2.32 3.36 10.20
CA ILE A 6 -1.84 3.12 11.56
C ILE A 6 -1.74 4.45 12.29
N ASP A 7 -1.22 5.47 11.60
CA ASP A 7 -1.07 6.80 12.17
C ASP A 7 -2.46 7.37 12.49
N ASN A 8 -3.40 7.13 11.59
CA ASN A 8 -4.77 7.59 11.76
C ASN A 8 -5.40 6.97 13.00
N LEU A 9 -5.32 5.64 13.11
CA LEU A 9 -5.88 4.93 14.25
C LEU A 9 -5.29 5.36 15.58
N MET A 10 -4.00 5.63 15.59
CA MET A 10 -3.31 6.02 16.83
C MET A 10 -3.37 7.52 17.15
N ALA A 11 -3.80 8.31 16.17
CA ALA A 11 -3.88 9.77 16.29
C ALA A 11 -4.50 10.37 17.54
N ASP A 12 -5.62 9.81 18.00
CA ASP A 12 -6.31 10.34 19.17
C ASP A 12 -5.68 9.99 20.53
N GLY A 13 -4.54 9.31 20.49
CA GLY A 13 -3.84 8.95 21.70
C GLY A 13 -4.50 7.98 22.67
N THR A 14 -5.63 7.36 22.31
CA THR A 14 -6.29 6.42 23.22
C THR A 14 -5.82 4.96 23.05
N CYS A 15 -5.12 4.67 21.96
CA CYS A 15 -4.64 3.32 21.69
C CYS A 15 -3.12 3.18 21.81
N GLN A 16 -2.64 1.97 22.12
CA GLN A 16 -1.21 1.73 22.25
C GLN A 16 -0.65 0.82 21.16
N ASP A 17 -1.52 0.21 20.38
CA ASP A 17 -1.07 -0.69 19.31
C ASP A 17 -2.18 -0.80 18.27
N ALA A 18 -1.78 -1.05 17.03
CA ALA A 18 -2.69 -1.15 15.92
C ALA A 18 -1.96 -1.90 14.81
N ALA A 19 -2.72 -2.55 13.93
CA ALA A 19 -2.16 -3.31 12.82
C ALA A 19 -3.22 -3.68 11.77
N ILE A 20 -2.78 -3.79 10.53
CA ILE A 20 -3.65 -4.20 9.43
C ILE A 20 -2.96 -5.46 8.93
N VAL A 21 -3.64 -6.60 8.96
CA VAL A 21 -3.03 -7.85 8.54
C VAL A 21 -3.78 -8.54 7.41
N GLY A 22 -3.06 -8.94 6.37
CA GLY A 22 -3.70 -9.64 5.28
C GLY A 22 -3.83 -11.09 5.70
N TYR A 23 -5.02 -11.69 5.56
CA TYR A 23 -5.21 -13.09 5.96
C TYR A 23 -5.45 -14.05 4.80
N LYS A 24 -5.67 -13.51 3.61
CA LYS A 24 -5.89 -14.33 2.44
C LYS A 24 -4.57 -14.72 1.79
N ASP A 25 -4.46 -16.00 1.44
CA ASP A 25 -3.27 -16.58 0.81
C ASP A 25 -2.16 -16.83 1.82
N SER A 26 -1.37 -15.81 2.11
CA SER A 26 -0.28 -15.95 3.06
C SER A 26 -0.30 -14.77 4.02
N PRO A 27 -0.92 -14.97 5.21
CA PRO A 27 -1.04 -13.95 6.25
C PRO A 27 0.23 -13.15 6.47
N SER A 28 0.13 -11.84 6.35
CA SER A 28 1.29 -10.98 6.53
C SER A 28 0.87 -9.65 7.12
N VAL A 29 1.74 -9.09 7.97
CA VAL A 29 1.49 -7.82 8.61
C VAL A 29 1.81 -6.74 7.58
N TRP A 30 0.79 -5.99 7.19
CA TRP A 30 0.90 -4.95 6.19
C TRP A 30 1.39 -3.63 6.75
N ALA A 31 1.18 -3.41 8.05
CA ALA A 31 1.60 -2.23 8.77
C ALA A 31 1.18 -2.39 10.22
N ALA A 32 2.09 -2.13 11.16
CA ALA A 32 1.80 -2.24 12.59
C ALA A 32 2.65 -1.22 13.36
N VAL A 33 2.27 -0.91 14.59
CA VAL A 33 3.04 0.04 15.38
C VAL A 33 4.35 -0.64 15.78
N PRO A 34 5.50 0.04 15.55
CA PRO A 34 6.86 -0.45 15.84
C PRO A 34 7.19 -0.68 17.30
N GLY A 35 7.91 -1.77 17.57
CA GLY A 35 8.34 -2.11 18.91
C GLY A 35 7.24 -2.55 19.84
N LYS A 36 6.07 -2.87 19.28
CA LYS A 36 4.94 -3.29 20.10
C LYS A 36 4.64 -4.78 19.99
N THR A 37 3.36 -5.14 20.13
CA THR A 37 2.91 -6.53 20.08
C THR A 37 2.42 -7.04 18.73
N PHE A 38 1.48 -6.32 18.12
CA PHE A 38 0.89 -6.73 16.84
C PHE A 38 1.87 -6.90 15.70
N VAL A 39 2.96 -6.17 15.74
CA VAL A 39 3.97 -6.28 14.68
C VAL A 39 4.55 -7.71 14.61
N ASN A 40 4.39 -8.48 15.68
CA ASN A 40 4.90 -9.86 15.73
C ASN A 40 3.84 -10.93 15.55
N ILE A 41 2.70 -10.58 14.96
CA ILE A 41 1.65 -11.57 14.73
C ILE A 41 2.17 -12.59 13.71
N THR A 42 1.86 -13.87 13.94
CA THR A 42 2.32 -14.94 13.05
C THR A 42 1.17 -15.55 12.26
N PRO A 43 1.47 -16.18 11.12
CA PRO A 43 0.45 -16.81 10.28
C PRO A 43 -0.40 -17.82 11.04
N ALA A 44 0.19 -18.45 12.07
CA ALA A 44 -0.52 -19.43 12.87
C ALA A 44 -1.58 -18.76 13.75
N GLU A 45 -1.24 -17.61 14.33
CA GLU A 45 -2.17 -16.85 15.17
C GLU A 45 -3.35 -16.35 14.33
N VAL A 46 -3.05 -15.92 13.11
CA VAL A 46 -4.06 -15.42 12.17
C VAL A 46 -5.00 -16.57 11.85
N GLY A 47 -4.41 -17.75 11.64
CA GLY A 47 -5.19 -18.94 11.32
C GLY A 47 -6.22 -19.22 12.39
N VAL A 48 -5.85 -19.04 13.64
CA VAL A 48 -6.78 -19.27 14.73
C VAL A 48 -7.91 -18.25 14.66
N LEU A 49 -7.56 -16.99 14.39
CA LEU A 49 -8.55 -15.92 14.31
C LEU A 49 -9.65 -16.19 13.28
N VAL A 50 -9.27 -16.55 12.06
CA VAL A 50 -10.26 -16.82 11.03
C VAL A 50 -10.63 -18.32 10.98
N GLY A 51 -10.37 -19.02 12.07
CA GLY A 51 -10.64 -20.44 12.13
C GLY A 51 -12.06 -20.92 12.27
N LYS A 52 -12.24 -22.23 12.18
CA LYS A 52 -13.56 -22.87 12.29
C LYS A 52 -13.98 -23.07 13.75
N ASP A 53 -13.00 -23.24 14.64
CA ASP A 53 -13.26 -23.45 16.08
C ASP A 53 -13.62 -22.13 16.75
N ARG A 54 -14.91 -21.84 16.84
CA ARG A 54 -15.36 -20.58 17.42
C ARG A 54 -15.74 -20.60 18.90
N SER A 55 -15.53 -21.73 19.58
CA SER A 55 -15.85 -21.84 21.00
C SER A 55 -14.73 -22.41 21.86
N SER A 56 -13.74 -23.04 21.20
CA SER A 56 -12.61 -23.62 21.90
C SER A 56 -11.79 -22.52 22.60
N PHE A 57 -11.61 -21.39 21.93
CA PHE A 57 -10.85 -20.28 22.52
C PHE A 57 -11.61 -19.49 23.59
N TYR A 58 -12.72 -20.05 24.04
CA TYR A 58 -13.54 -19.41 25.08
C TYR A 58 -13.07 -19.77 26.49
N VAL A 59 -12.55 -20.97 26.66
CA VAL A 59 -12.04 -21.41 27.97
C VAL A 59 -10.55 -21.04 27.96
N ASN A 60 -9.89 -21.43 26.88
CA ASN A 60 -8.48 -21.15 26.69
C ASN A 60 -8.51 -20.08 25.61
N GLY A 61 -8.08 -18.86 25.94
CA GLY A 61 -8.08 -17.79 24.96
C GLY A 61 -7.20 -18.06 23.75
N LEU A 62 -6.43 -17.05 23.35
CA LEU A 62 -5.54 -17.19 22.19
C LEU A 62 -4.38 -16.23 22.31
N THR A 63 -3.47 -16.25 21.33
CA THR A 63 -2.33 -15.34 21.35
C THR A 63 -2.22 -14.47 20.11
N LEU A 64 -1.86 -13.21 20.31
CA LEU A 64 -1.64 -12.25 19.22
C LEU A 64 -0.25 -11.68 19.50
N GLY A 65 0.69 -11.92 18.58
CA GLY A 65 2.04 -11.44 18.76
C GLY A 65 2.71 -12.01 20.01
N GLY A 66 2.26 -13.20 20.43
CA GLY A 66 2.81 -13.84 21.61
C GLY A 66 1.95 -13.57 22.83
N GLN A 67 1.32 -12.40 22.85
CA GLN A 67 0.46 -11.96 23.93
C GLN A 67 -0.77 -12.85 24.07
N LYS A 68 -1.03 -13.35 25.27
CA LYS A 68 -2.18 -14.21 25.51
C LYS A 68 -3.36 -13.31 25.72
N CYS A 69 -4.48 -13.66 25.12
CA CYS A 69 -5.68 -12.84 25.21
C CYS A 69 -6.90 -13.72 25.52
N SER A 70 -7.90 -13.09 26.14
CA SER A 70 -9.15 -13.75 26.50
C SER A 70 -10.25 -13.22 25.58
N VAL A 71 -10.90 -14.13 24.86
CA VAL A 71 -11.99 -13.74 23.95
C VAL A 71 -13.20 -13.44 24.84
N ILE A 72 -13.71 -12.22 24.82
CA ILE A 72 -14.88 -11.93 25.64
C ILE A 72 -16.17 -11.90 24.82
N ARG A 73 -16.05 -11.90 23.50
CA ARG A 73 -17.21 -11.88 22.60
C ARG A 73 -16.69 -12.17 21.20
N ASP A 74 -17.20 -13.21 20.57
CA ASP A 74 -16.77 -13.59 19.22
C ASP A 74 -17.88 -13.41 18.17
N SER A 75 -17.67 -12.51 17.23
CA SER A 75 -18.63 -12.30 16.14
C SER A 75 -17.86 -12.02 14.85
N LEU A 76 -16.62 -12.48 14.79
CA LEU A 76 -15.77 -12.25 13.63
C LEU A 76 -16.33 -12.73 12.30
N LEU A 77 -16.91 -13.93 12.28
CA LEU A 77 -17.47 -14.48 11.04
C LEU A 77 -18.96 -14.24 10.90
N GLN A 78 -19.53 -13.36 11.71
CA GLN A 78 -20.95 -13.09 11.65
C GLN A 78 -21.36 -11.98 10.69
N ASP A 79 -22.45 -12.23 9.97
CA ASP A 79 -22.98 -11.28 9.00
C ASP A 79 -23.26 -9.96 9.73
N GLY A 80 -22.63 -8.89 9.26
CA GLY A 80 -22.83 -7.58 9.87
C GLY A 80 -21.80 -7.22 10.93
N GLU A 81 -21.97 -7.74 12.14
CA GLU A 81 -21.07 -7.45 13.25
C GLU A 81 -19.78 -8.27 13.11
N PHE A 82 -18.97 -7.97 12.09
CA PHE A 82 -17.71 -8.70 11.83
C PHE A 82 -16.57 -8.35 12.80
N SER A 83 -16.86 -8.38 14.09
CA SER A 83 -15.86 -8.02 15.08
C SER A 83 -15.69 -9.03 16.21
N MET A 84 -14.60 -8.88 16.94
CA MET A 84 -14.29 -9.76 18.04
C MET A 84 -13.70 -8.89 19.11
N ASP A 85 -14.09 -9.15 20.36
CA ASP A 85 -13.59 -8.37 21.47
C ASP A 85 -12.78 -9.24 22.41
N LEU A 86 -11.63 -8.75 22.85
CA LEU A 86 -10.77 -9.50 23.74
C LEU A 86 -10.11 -8.62 24.78
N ARG A 87 -9.56 -9.26 25.81
CA ARG A 87 -8.86 -8.56 26.86
C ARG A 87 -7.48 -9.18 26.96
N THR A 88 -6.50 -8.41 27.41
CA THR A 88 -5.16 -8.94 27.55
C THR A 88 -5.02 -9.70 28.87
N LYS A 89 -4.81 -11.01 28.76
CA LYS A 89 -4.69 -11.89 29.91
C LYS A 89 -3.65 -11.49 30.96
N SER A 90 -4.12 -10.87 32.04
CA SER A 90 -3.24 -10.49 33.14
C SER A 90 -3.10 -11.68 34.08
N THR A 91 -2.52 -12.75 33.53
CA THR A 91 -2.25 -13.99 34.25
C THR A 91 -1.19 -13.63 35.29
N GLY A 92 -0.28 -12.75 34.87
CA GLY A 92 0.79 -12.26 35.71
C GLY A 92 0.89 -10.78 35.40
N GLY A 93 1.72 -10.05 36.15
CA GLY A 93 1.85 -8.63 35.92
C GLY A 93 0.68 -7.91 36.56
N ALA A 94 -0.02 -7.07 35.79
CA ALA A 94 -1.15 -6.34 36.33
C ALA A 94 -2.09 -5.66 35.33
N PRO A 95 -1.55 -4.81 34.43
CA PRO A 95 -2.41 -4.13 33.45
C PRO A 95 -3.03 -5.00 32.36
N THR A 96 -4.33 -4.81 32.16
CA THR A 96 -5.12 -5.53 31.17
C THR A 96 -5.68 -4.48 30.22
N PHE A 97 -5.66 -4.76 28.92
CA PHE A 97 -6.16 -3.79 27.94
C PHE A 97 -7.19 -4.44 27.05
N ASN A 98 -8.02 -3.60 26.45
CA ASN A 98 -9.07 -4.07 25.54
C ASN A 98 -8.58 -4.05 24.10
N VAL A 99 -8.83 -5.15 23.40
CA VAL A 99 -8.43 -5.28 22.02
C VAL A 99 -9.67 -5.63 21.21
N THR A 100 -9.68 -5.21 19.95
CA THR A 100 -10.78 -5.54 19.06
C THR A 100 -10.16 -5.93 17.72
N VAL A 101 -10.63 -7.04 17.16
CA VAL A 101 -10.18 -7.50 15.85
C VAL A 101 -11.40 -7.44 14.92
N THR A 102 -11.28 -6.68 13.84
CA THR A 102 -12.36 -6.56 12.87
C THR A 102 -11.88 -7.18 11.57
N LYS A 103 -12.80 -7.71 10.78
CA LYS A 103 -12.45 -8.39 9.54
C LYS A 103 -13.08 -7.78 8.31
N THR A 104 -12.31 -7.71 7.24
CA THR A 104 -12.81 -7.19 5.98
C THR A 104 -12.66 -8.33 4.98
N ASP A 105 -12.63 -8.00 3.70
CA ASP A 105 -12.51 -9.02 2.67
C ASP A 105 -11.09 -9.60 2.58
N LYS A 106 -10.10 -8.74 2.76
CA LYS A 106 -8.71 -9.18 2.64
C LYS A 106 -7.87 -8.91 3.87
N THR A 107 -8.38 -8.08 4.78
CA THR A 107 -7.61 -7.74 5.95
C THR A 107 -8.27 -7.97 7.29
N LEU A 108 -7.46 -7.83 8.33
CA LEU A 108 -7.87 -7.95 9.73
C LEU A 108 -7.33 -6.65 10.34
N VAL A 109 -8.21 -5.81 10.86
CA VAL A 109 -7.76 -4.57 11.48
C VAL A 109 -7.72 -4.82 12.99
N LEU A 110 -6.55 -4.66 13.60
CA LEU A 110 -6.42 -4.90 15.03
C LEU A 110 -6.12 -3.61 15.81
N LEU A 111 -6.80 -3.42 16.93
CA LEU A 111 -6.61 -2.24 17.78
C LEU A 111 -6.49 -2.58 19.26
N MET A 112 -5.54 -1.95 19.95
CA MET A 112 -5.35 -2.18 21.38
C MET A 112 -5.35 -0.82 22.08
N GLY A 113 -6.26 -0.66 23.03
CA GLY A 113 -6.39 0.60 23.74
C GLY A 113 -5.44 0.69 24.91
N LYS A 114 -5.24 1.92 25.39
CA LYS A 114 -4.38 2.15 26.53
C LYS A 114 -5.13 1.72 27.79
N GLU A 115 -4.44 1.71 28.92
CA GLU A 115 -5.05 1.31 30.19
C GLU A 115 -6.20 2.27 30.53
N GLY A 116 -7.33 1.70 30.92
CA GLY A 116 -8.49 2.51 31.27
C GLY A 116 -9.43 2.86 30.13
N VAL A 117 -8.95 2.79 28.90
CA VAL A 117 -9.77 3.12 27.75
C VAL A 117 -10.95 2.16 27.55
N HIS A 118 -12.17 2.71 27.56
CA HIS A 118 -13.39 1.91 27.40
C HIS A 118 -13.39 1.03 26.16
N GLY A 119 -13.62 -0.27 26.38
CA GLY A 119 -13.66 -1.23 25.28
C GLY A 119 -14.45 -0.81 24.06
N GLY A 120 -15.70 -0.37 24.28
CA GLY A 120 -16.55 0.06 23.18
C GLY A 120 -15.95 1.16 22.33
N LEU A 121 -15.03 1.91 22.92
CA LEU A 121 -14.37 2.99 22.20
C LEU A 121 -13.36 2.40 21.24
N ILE A 122 -12.76 1.28 21.64
CA ILE A 122 -11.81 0.59 20.79
C ILE A 122 -12.61 -0.11 19.69
N ASN A 123 -13.79 -0.63 20.04
CA ASN A 123 -14.64 -1.31 19.08
C ASN A 123 -15.13 -0.36 18.00
N LYS A 124 -15.54 0.84 18.41
CA LYS A 124 -16.01 1.87 17.49
C LYS A 124 -14.93 2.23 16.47
N LYS A 125 -13.73 2.53 16.98
CA LYS A 125 -12.59 2.91 16.18
C LYS A 125 -12.18 1.81 15.22
N CYS A 126 -12.11 0.59 15.72
CA CYS A 126 -11.70 -0.53 14.89
C CYS A 126 -12.74 -0.89 13.84
N TYR A 127 -14.01 -0.83 14.26
CA TYR A 127 -15.11 -1.16 13.37
C TYR A 127 -15.32 -0.14 12.26
N GLU A 128 -15.12 1.15 12.56
CA GLU A 128 -15.31 2.15 11.52
C GLU A 128 -14.21 2.12 10.45
N MET A 129 -13.00 1.76 10.86
CA MET A 129 -11.87 1.67 9.94
C MET A 129 -12.12 0.56 8.92
N ALA A 130 -12.56 -0.59 9.42
CA ALA A 130 -12.86 -1.74 8.56
C ALA A 130 -14.05 -1.43 7.65
N SER A 131 -15.03 -0.69 8.17
CA SER A 131 -16.19 -0.34 7.37
C SER A 131 -15.68 0.49 6.18
N HIS A 132 -14.74 1.38 6.45
CA HIS A 132 -14.15 2.21 5.39
C HIS A 132 -13.39 1.31 4.41
N LEU A 133 -12.69 0.32 4.94
CA LEU A 133 -11.91 -0.60 4.12
C LEU A 133 -12.73 -1.47 3.19
N ARG A 134 -13.79 -2.07 3.71
CA ARG A 134 -14.64 -2.92 2.90
C ARG A 134 -15.40 -2.18 1.83
N ARG A 135 -15.81 -0.95 2.11
CA ARG A 135 -16.51 -0.14 1.11
C ARG A 135 -15.51 0.25 0.03
N SER A 136 -14.22 0.18 0.35
CA SER A 136 -13.16 0.50 -0.60
C SER A 136 -12.62 -0.76 -1.27
N GLN A 137 -13.45 -1.80 -1.28
CA GLN A 137 -13.11 -3.09 -1.88
C GLN A 137 -12.02 -3.88 -1.16
N TYR A 138 -11.82 -3.59 0.13
CA TYR A 138 -10.77 -4.28 0.90
C TYR A 138 -11.29 -5.15 2.01
N GLY B 1 2.34 -9.64 -6.29
CA GLY B 1 2.31 -9.67 -7.79
C GLY B 1 2.27 -8.27 -8.33
N TRP B 2 3.24 -7.92 -9.16
CA TRP B 2 3.34 -6.58 -9.74
C TRP B 2 2.19 -6.10 -10.63
N ASN B 3 1.44 -7.01 -11.24
CA ASN B 3 0.34 -6.61 -12.12
C ASN B 3 -0.78 -5.93 -11.35
N ALA B 4 -0.82 -6.17 -10.04
CA ALA B 4 -1.82 -5.57 -9.16
C ALA B 4 -1.57 -4.07 -8.97
N TYR B 5 -0.31 -3.67 -9.14
CA TYR B 5 0.04 -2.26 -9.03
C TYR B 5 -0.43 -1.58 -10.30
N ILE B 6 -0.37 -2.31 -11.41
CA ILE B 6 -0.81 -1.81 -12.70
C ILE B 6 -2.32 -1.58 -12.61
N ASP B 7 -3.05 -2.57 -12.11
CA ASP B 7 -4.51 -2.46 -11.96
C ASP B 7 -4.89 -1.30 -11.06
N ASN B 8 -4.21 -1.22 -9.92
CA ASN B 8 -4.44 -0.16 -8.96
C ASN B 8 -4.20 1.22 -9.62
N LEU B 9 -3.07 1.38 -10.31
CA LEU B 9 -2.74 2.63 -10.98
C LEU B 9 -3.73 3.01 -12.11
N MET B 10 -4.29 2.00 -12.76
CA MET B 10 -5.21 2.21 -13.89
C MET B 10 -6.70 2.34 -13.52
N ALA B 11 -7.02 2.04 -12.27
CA ALA B 11 -8.40 2.06 -11.78
C ALA B 11 -9.25 3.31 -11.98
N ASP B 12 -8.76 4.48 -11.59
CA ASP B 12 -9.58 5.69 -11.70
C ASP B 12 -9.87 6.23 -13.10
N GLY B 13 -9.25 5.64 -14.11
CA GLY B 13 -9.49 6.07 -15.48
C GLY B 13 -8.71 7.27 -15.99
N THR B 14 -7.91 7.88 -15.15
CA THR B 14 -7.11 9.05 -15.55
C THR B 14 -5.92 8.66 -16.43
N CYS B 15 -5.41 7.44 -16.25
CA CYS B 15 -4.25 7.00 -17.01
C CYS B 15 -4.53 6.07 -18.15
N GLN B 16 -3.71 6.15 -19.20
CA GLN B 16 -3.88 5.26 -20.35
C GLN B 16 -2.72 4.27 -20.44
N ASP B 17 -1.67 4.49 -19.66
CA ASP B 17 -0.54 3.57 -19.66
C ASP B 17 0.17 3.65 -18.32
N ALA B 18 0.82 2.57 -17.92
CA ALA B 18 1.54 2.46 -16.65
C ALA B 18 2.56 1.32 -16.72
N ALA B 19 3.64 1.42 -15.95
CA ALA B 19 4.65 0.37 -15.93
C ALA B 19 5.52 0.47 -14.68
N ILE B 20 6.11 -0.66 -14.31
CA ILE B 20 6.99 -0.77 -13.17
C ILE B 20 8.20 -1.42 -13.83
N VAL B 21 9.28 -0.67 -13.96
CA VAL B 21 10.49 -1.16 -14.60
C VAL B 21 11.62 -1.35 -13.60
N GLY B 22 12.33 -2.45 -13.72
CA GLY B 22 13.47 -2.72 -12.85
C GLY B 22 14.65 -2.23 -13.64
N TYR B 23 15.40 -1.27 -13.09
CA TYR B 23 16.56 -0.72 -13.78
C TYR B 23 17.91 -1.24 -13.29
N LYS B 24 17.96 -1.74 -12.05
CA LYS B 24 19.21 -2.26 -11.51
C LYS B 24 19.63 -3.49 -12.29
N ASP B 25 20.91 -3.83 -12.20
CA ASP B 25 21.50 -4.99 -12.86
C ASP B 25 21.07 -5.14 -14.33
N SER B 26 20.06 -5.97 -14.58
CA SER B 26 19.57 -6.17 -15.95
C SER B 26 18.15 -5.62 -15.96
N PRO B 27 17.96 -4.45 -16.58
CA PRO B 27 16.66 -3.78 -16.68
C PRO B 27 15.59 -4.55 -17.47
N SER B 28 14.38 -4.57 -16.95
CA SER B 28 13.26 -5.25 -17.60
C SER B 28 11.92 -4.73 -17.08
N VAL B 29 10.87 -4.94 -17.86
CA VAL B 29 9.53 -4.51 -17.47
C VAL B 29 8.99 -5.59 -16.52
N TRP B 30 8.71 -5.21 -15.28
CA TRP B 30 8.17 -6.14 -14.30
C TRP B 30 6.68 -6.28 -14.55
N ALA B 31 6.07 -5.16 -14.95
CA ALA B 31 4.66 -5.11 -15.25
C ALA B 31 4.34 -3.85 -16.06
N ALA B 32 3.44 -3.98 -17.03
CA ALA B 32 3.03 -2.85 -17.87
C ALA B 32 1.66 -3.14 -18.43
N VAL B 33 1.12 -2.22 -19.24
CA VAL B 33 -0.18 -2.41 -19.87
C VAL B 33 -0.01 -3.01 -21.26
N PRO B 34 -0.48 -4.26 -21.45
CA PRO B 34 -0.34 -4.90 -22.77
C PRO B 34 -1.05 -4.07 -23.84
N GLY B 35 -0.46 -4.05 -25.03
CA GLY B 35 -1.06 -3.31 -26.12
C GLY B 35 -0.78 -1.82 -26.11
N LYS B 36 0.01 -1.35 -25.15
CA LYS B 36 0.34 0.07 -25.06
C LYS B 36 1.81 0.34 -25.37
N THR B 37 2.30 1.50 -24.92
CA THR B 37 3.67 1.95 -25.17
C THR B 37 4.76 1.48 -24.17
N PHE B 38 4.62 1.85 -22.90
CA PHE B 38 5.61 1.50 -21.87
C PHE B 38 6.06 0.05 -21.86
N VAL B 39 5.16 -0.84 -22.25
CA VAL B 39 5.48 -2.25 -22.27
C VAL B 39 6.66 -2.54 -23.19
N ASN B 40 6.90 -1.64 -24.15
CA ASN B 40 7.98 -1.79 -25.12
C ASN B 40 9.27 -1.04 -24.79
N ILE B 41 9.42 -0.57 -23.56
CA ILE B 41 10.63 0.16 -23.18
C ILE B 41 11.83 -0.78 -23.24
N THR B 42 12.92 -0.28 -23.82
CA THR B 42 14.14 -1.05 -23.99
C THR B 42 15.16 -0.77 -22.90
N PRO B 43 16.10 -1.70 -22.70
CA PRO B 43 17.14 -1.53 -21.68
C PRO B 43 17.99 -0.29 -22.00
N ALA B 44 18.09 0.02 -23.29
CA ALA B 44 18.84 1.19 -23.73
C ALA B 44 18.15 2.44 -23.20
N GLU B 45 16.83 2.47 -23.37
CA GLU B 45 16.02 3.59 -22.92
C GLU B 45 16.09 3.71 -21.41
N VAL B 46 16.05 2.58 -20.72
CA VAL B 46 16.12 2.60 -19.26
C VAL B 46 17.48 3.12 -18.84
N GLY B 47 18.50 2.80 -19.63
CA GLY B 47 19.85 3.26 -19.34
C GLY B 47 19.94 4.77 -19.49
N VAL B 48 19.22 5.31 -20.46
CA VAL B 48 19.21 6.74 -20.71
C VAL B 48 18.58 7.47 -19.53
N LEU B 49 17.49 6.91 -19.02
CA LEU B 49 16.77 7.51 -17.89
C LEU B 49 17.57 7.56 -16.60
N VAL B 50 18.42 6.56 -16.34
CA VAL B 50 19.18 6.54 -15.10
C VAL B 50 20.68 6.89 -15.19
N GLY B 51 21.16 7.22 -16.40
CA GLY B 51 22.55 7.58 -16.53
C GLY B 51 22.77 8.91 -15.82
N LYS B 52 24.01 9.19 -15.41
CA LYS B 52 24.31 10.46 -14.72
C LYS B 52 24.41 11.62 -15.70
N ASP B 53 24.66 11.30 -16.97
CA ASP B 53 24.76 12.33 -18.00
C ASP B 53 23.40 12.65 -18.61
N ARG B 54 22.88 13.83 -18.26
CA ARG B 54 21.58 14.30 -18.71
C ARG B 54 21.61 15.17 -19.95
N SER B 55 22.68 15.06 -20.72
CA SER B 55 22.86 15.91 -21.91
C SER B 55 21.78 15.87 -23.00
N SER B 56 21.41 14.68 -23.46
CA SER B 56 20.42 14.55 -24.52
C SER B 56 19.00 15.06 -24.21
N PHE B 57 18.58 14.97 -22.95
CA PHE B 57 17.26 15.43 -22.54
C PHE B 57 17.04 16.85 -23.05
N TYR B 58 18.02 17.68 -22.78
CA TYR B 58 17.97 19.09 -23.17
C TYR B 58 18.42 19.32 -24.60
N VAL B 59 18.76 18.24 -25.29
CA VAL B 59 19.20 18.30 -26.69
C VAL B 59 17.94 18.20 -27.58
N ASN B 60 17.16 17.14 -27.35
CA ASN B 60 15.93 16.92 -28.11
C ASN B 60 15.01 15.85 -27.49
N GLY B 61 14.95 15.80 -26.17
CA GLY B 61 14.10 14.85 -25.48
C GLY B 61 14.66 13.43 -25.41
N LEU B 62 13.75 12.47 -25.30
CA LEU B 62 14.09 11.05 -25.20
C LEU B 62 12.88 10.23 -25.60
N THR B 63 13.05 8.93 -25.78
CA THR B 63 11.93 8.06 -26.15
C THR B 63 11.63 7.08 -25.05
N LEU B 64 10.36 6.69 -24.96
CA LEU B 64 9.87 5.72 -23.98
C LEU B 64 9.13 4.71 -24.86
N GLY B 65 9.68 3.51 -24.99
CA GLY B 65 9.07 2.50 -25.83
C GLY B 65 8.87 2.97 -27.27
N GLY B 66 9.79 3.81 -27.75
CA GLY B 66 9.69 4.34 -29.10
C GLY B 66 9.04 5.72 -29.15
N GLN B 67 8.16 6.00 -28.19
CA GLN B 67 7.45 7.26 -28.11
C GLN B 67 8.38 8.39 -27.68
N LYS B 68 8.54 9.39 -28.54
CA LYS B 68 9.41 10.52 -28.20
C LYS B 68 8.69 11.48 -27.27
N CYS B 69 9.42 12.01 -26.30
CA CYS B 69 8.84 12.92 -25.34
C CYS B 69 9.77 14.10 -25.11
N SER B 70 9.20 15.20 -24.63
CA SER B 70 9.94 16.40 -24.30
C SER B 70 10.06 16.41 -22.77
N VAL B 71 11.22 16.81 -22.26
CA VAL B 71 11.48 16.85 -20.83
C VAL B 71 11.09 18.20 -20.25
N ILE B 72 10.05 18.21 -19.43
CA ILE B 72 9.60 19.46 -18.83
C ILE B 72 10.46 19.74 -17.60
N ARG B 73 10.77 18.69 -16.86
CA ARG B 73 11.61 18.84 -15.68
C ARG B 73 12.23 17.51 -15.32
N ASP B 74 13.55 17.53 -15.09
CA ASP B 74 14.28 16.33 -14.73
C ASP B 74 14.87 16.44 -13.34
N SER B 75 14.29 15.73 -12.38
CA SER B 75 14.80 15.68 -11.01
C SER B 75 14.85 14.21 -10.60
N LEU B 76 14.85 13.34 -11.60
CA LEU B 76 14.85 11.89 -11.42
C LEU B 76 15.94 11.35 -10.52
N LEU B 77 17.14 11.84 -10.75
CA LEU B 77 18.31 11.42 -9.98
C LEU B 77 18.50 12.26 -8.72
N GLN B 78 17.74 13.34 -8.60
CA GLN B 78 17.87 14.21 -7.45
C GLN B 78 17.14 13.71 -6.21
N ASP B 79 17.91 13.48 -5.15
CA ASP B 79 17.40 12.99 -3.87
C ASP B 79 16.26 13.83 -3.29
N GLY B 80 15.29 13.15 -2.68
CA GLY B 80 14.14 13.81 -2.08
C GLY B 80 13.08 14.21 -3.09
N GLU B 81 13.43 14.17 -4.37
CA GLU B 81 12.54 14.54 -5.45
C GLU B 81 12.24 13.34 -6.35
N PHE B 82 13.31 12.71 -6.83
CA PHE B 82 13.28 11.53 -7.69
C PHE B 82 12.15 11.48 -8.73
N SER B 83 11.88 12.59 -9.39
CA SER B 83 10.82 12.64 -10.40
C SER B 83 11.19 13.40 -11.67
N MET B 84 10.55 13.03 -12.77
CA MET B 84 10.79 13.67 -14.05
C MET B 84 9.47 13.83 -14.81
N ASP B 85 9.12 15.06 -15.14
CA ASP B 85 7.90 15.37 -15.89
C ASP B 85 8.20 15.47 -17.36
N LEU B 86 7.40 14.76 -18.15
CA LEU B 86 7.56 14.73 -19.59
C LEU B 86 6.24 15.10 -20.27
N ARG B 87 6.25 15.02 -21.60
CA ARG B 87 5.09 15.32 -22.42
C ARG B 87 5.37 14.62 -23.73
N THR B 88 4.43 13.82 -24.24
CA THR B 88 4.66 13.12 -25.51
C THR B 88 4.74 14.13 -26.64
N LYS B 89 5.48 13.80 -27.69
CA LYS B 89 5.56 14.70 -28.84
C LYS B 89 4.64 14.13 -29.90
N SER B 90 3.90 15.00 -30.59
CA SER B 90 2.99 14.54 -31.61
C SER B 90 3.23 15.21 -32.95
N THR B 91 2.67 14.58 -33.97
CA THR B 91 2.74 15.05 -35.34
C THR B 91 1.29 15.36 -35.71
N GLY B 92 1.08 16.49 -36.36
CA GLY B 92 -0.27 16.86 -36.73
C GLY B 92 -0.96 17.37 -35.49
N GLY B 93 -2.28 17.51 -35.56
CA GLY B 93 -3.01 18.00 -34.42
C GLY B 93 -3.42 16.89 -33.49
N ALA B 94 -2.61 15.84 -33.43
CA ALA B 94 -2.89 14.71 -32.54
C ALA B 94 -2.54 15.21 -31.15
N PRO B 95 -3.23 14.70 -30.13
CA PRO B 95 -2.95 15.16 -28.77
C PRO B 95 -1.61 14.74 -28.17
N THR B 96 -1.25 15.46 -27.12
CA THR B 96 -0.03 15.22 -26.36
C THR B 96 -0.50 14.87 -24.95
N PHE B 97 0.24 13.98 -24.30
CA PHE B 97 -0.12 13.53 -22.96
C PHE B 97 0.98 13.73 -21.95
N ASN B 98 0.59 13.96 -20.70
CA ASN B 98 1.55 14.14 -19.63
C ASN B 98 2.08 12.80 -19.18
N VAL B 99 3.39 12.73 -18.98
CA VAL B 99 4.03 11.50 -18.55
C VAL B 99 4.90 11.85 -17.35
N THR B 100 4.89 11.00 -16.32
CA THR B 100 5.73 11.21 -15.16
C THR B 100 6.51 9.94 -14.93
N VAL B 101 7.76 10.10 -14.51
CA VAL B 101 8.62 8.96 -14.22
C VAL B 101 9.24 9.25 -12.87
N THR B 102 9.05 8.33 -11.93
CA THR B 102 9.61 8.45 -10.58
C THR B 102 10.50 7.23 -10.39
N LYS B 103 11.50 7.35 -9.52
CA LYS B 103 12.45 6.29 -9.30
C LYS B 103 12.54 5.89 -7.83
N THR B 104 12.79 4.62 -7.57
CA THR B 104 12.94 4.14 -6.20
C THR B 104 14.29 3.44 -6.11
N ASP B 105 14.45 2.53 -5.17
CA ASP B 105 15.72 1.82 -5.03
C ASP B 105 15.95 0.84 -6.16
N LYS B 106 14.92 0.08 -6.50
CA LYS B 106 15.04 -0.92 -7.55
C LYS B 106 14.10 -0.73 -8.72
N THR B 107 13.22 0.26 -8.63
CA THR B 107 12.20 0.47 -9.65
C THR B 107 12.06 1.87 -10.27
N LEU B 108 11.46 1.90 -11.46
CA LEU B 108 11.09 3.13 -12.19
C LEU B 108 9.58 2.97 -12.35
N VAL B 109 8.79 3.99 -11.99
CA VAL B 109 7.33 3.92 -12.14
C VAL B 109 6.95 4.90 -13.25
N LEU B 110 6.24 4.42 -14.27
CA LEU B 110 5.84 5.27 -15.40
C LEU B 110 4.34 5.37 -15.55
N LEU B 111 3.86 6.58 -15.81
CA LEU B 111 2.43 6.84 -15.97
C LEU B 111 2.16 7.82 -17.11
N MET B 112 1.22 7.48 -17.99
CA MET B 112 0.84 8.36 -19.09
C MET B 112 -0.60 8.71 -18.90
N GLY B 113 -0.89 10.00 -18.76
CA GLY B 113 -2.26 10.43 -18.56
C GLY B 113 -3.00 10.39 -19.87
N LYS B 114 -4.32 10.48 -19.78
CA LYS B 114 -5.14 10.52 -20.97
C LYS B 114 -5.19 11.97 -21.38
N GLU B 115 -5.74 12.26 -22.54
CA GLU B 115 -5.86 13.63 -23.01
C GLU B 115 -6.72 14.40 -21.99
N GLY B 116 -6.31 15.61 -21.65
CA GLY B 116 -7.09 16.39 -20.70
C GLY B 116 -6.81 16.25 -19.21
N VAL B 117 -6.07 15.23 -18.81
CA VAL B 117 -5.74 15.03 -17.39
C VAL B 117 -4.53 15.93 -17.09
N HIS B 118 -4.60 16.74 -16.05
CA HIS B 118 -3.48 17.63 -15.72
C HIS B 118 -2.22 16.92 -15.19
N GLY B 119 -1.06 17.39 -15.65
CA GLY B 119 0.21 16.83 -15.25
C GLY B 119 0.38 16.72 -13.75
N GLY B 120 -0.21 17.67 -13.02
CA GLY B 120 -0.12 17.65 -11.57
C GLY B 120 -0.80 16.43 -10.97
N LEU B 121 -1.88 15.99 -11.59
CA LEU B 121 -2.59 14.82 -11.11
C LEU B 121 -1.75 13.58 -11.39
N ILE B 122 -1.11 13.54 -12.56
CA ILE B 122 -0.26 12.41 -12.94
C ILE B 122 0.96 12.32 -12.03
N ASN B 123 1.51 13.48 -11.67
CA ASN B 123 2.69 13.53 -10.81
C ASN B 123 2.39 13.02 -9.40
N LYS B 124 1.22 13.35 -8.86
CA LYS B 124 0.85 12.91 -7.52
C LYS B 124 0.66 11.41 -7.44
N LYS B 125 -0.10 10.84 -8.38
CA LYS B 125 -0.34 9.40 -8.40
C LYS B 125 0.98 8.63 -8.45
N CYS B 126 1.88 9.09 -9.31
CA CYS B 126 3.18 8.45 -9.49
C CYS B 126 4.04 8.56 -8.23
N TYR B 127 4.19 9.79 -7.73
CA TYR B 127 4.97 10.06 -6.53
C TYR B 127 4.45 9.25 -5.35
N GLU B 128 3.12 9.14 -5.24
CA GLU B 128 2.53 8.38 -4.15
C GLU B 128 2.80 6.88 -4.27
N MET B 129 2.85 6.39 -5.50
CA MET B 129 3.16 4.99 -5.74
C MET B 129 4.64 4.76 -5.41
N ALA B 130 5.49 5.73 -5.75
CA ALA B 130 6.94 5.65 -5.50
C ALA B 130 7.32 5.74 -4.02
N SER B 131 6.56 6.51 -3.25
CA SER B 131 6.82 6.63 -1.81
C SER B 131 6.44 5.32 -1.10
N HIS B 132 5.36 4.69 -1.54
CA HIS B 132 4.92 3.41 -0.97
C HIS B 132 5.98 2.34 -1.19
N LEU B 133 6.51 2.26 -2.41
CA LEU B 133 7.53 1.29 -2.75
C LEU B 133 8.80 1.48 -1.95
N ARG B 134 9.30 2.72 -1.91
CA ARG B 134 10.54 2.98 -1.18
C ARG B 134 10.45 2.72 0.31
N ARG B 135 9.22 2.75 0.84
CA ARG B 135 8.96 2.44 2.25
C ARG B 135 9.11 0.93 2.49
N SER B 136 8.83 0.14 1.44
CA SER B 136 8.92 -1.32 1.49
C SER B 136 10.31 -1.76 1.04
N GLN B 137 11.22 -0.81 0.98
CA GLN B 137 12.61 -1.04 0.58
C GLN B 137 12.70 -1.49 -0.87
N TYR B 138 11.88 -0.90 -1.73
CA TYR B 138 11.89 -1.22 -3.13
C TYR B 138 12.25 0.01 -3.97
N PRO C 1 -9.89 9.96 6.25
CA PRO C 1 -10.16 8.64 5.66
C PRO C 1 -9.51 8.51 4.27
N PRO C 2 -8.20 8.20 4.23
CA PRO C 2 -7.46 8.05 2.97
C PRO C 2 -7.94 6.90 2.10
N PRO C 3 -7.53 6.90 0.82
CA PRO C 3 -7.92 5.84 -0.12
C PRO C 3 -7.09 4.62 0.19
N PRO C 4 -7.56 3.44 -0.21
CA PRO C 4 -6.80 2.22 0.05
C PRO C 4 -5.42 2.27 -0.63
N PRO C 5 -4.37 1.90 0.11
CA PRO C 5 -3.00 1.89 -0.37
C PRO C 5 -2.69 0.71 -1.29
N PRO C 6 -1.54 0.77 -1.98
CA PRO C 6 -1.17 -0.34 -2.87
C PRO C 6 -0.99 -1.58 -2.02
N PRO C 7 -1.05 -2.77 -2.64
CA PRO C 7 -0.86 -3.96 -1.82
C PRO C 7 0.63 -4.05 -1.45
N PRO C 8 1.01 -5.03 -0.63
CA PRO C 8 2.43 -5.08 -0.30
C PRO C 8 3.15 -5.62 -1.52
N PRO C 9 4.46 -5.34 -1.66
CA PRO C 9 5.23 -5.82 -2.80
C PRO C 9 5.05 -7.33 -3.04
N PRO C 10 5.34 -7.81 -4.25
CA PRO C 10 5.24 -9.18 -4.75
C PRO C 10 4.23 -10.11 -4.07
#